data_8D89
#
_entry.id   8D89
#
_cell.length_a   120.600
_cell.length_b   58.860
_cell.length_c   60.660
_cell.angle_alpha   90.000
_cell.angle_beta   90.000
_cell.angle_gamma   90.000
#
_symmetry.space_group_name_H-M   'P 21 21 2'
#
loop_
_entity.id
_entity.type
_entity.pdbx_description
1 polymer 'Glycoside Hydrolase Family 5 Endo-mannanase'
2 non-polymer 2-(2-{2-[2-(2-METHOXY-ETHOXY)-ETHOXY]-ETHOXY}-ETHOXY)-ETHANOL
3 non-polymer 'ACETATE ION'
4 non-polymer 'SODIUM ION'
5 non-polymer 'CHLORIDE ION'
6 water water
#
_entity_poly.entity_id   1
_entity_poly.type   'polypeptide(L)'
_entity_poly.pdbx_seq_one_letter_code
;MGSSHHHHHHSSGLVPRGSHMDKITPPSPEKDTRSAMERYWAEDYSGPLGIQTGEIVSGSTKLPRMYLGEKLLYVTGVNC
YNLFVQSFESDGDLGLTSIRKTVDVLVEEKVPIVRFSCSPYSSGQFHFYHDNESKYLATLDSLAAICDRNHIAIIPSIFW
NTDAVPEYCKEEFGKWGDKSSETYKYMLDYTEAVVNTLKGHKSVVAWEFGNEFNLQADIPHNYRISANDVSVAYQGFADK
VAELDPEHRLIASGNSVMRDAQYNLLHNGSWTADTFQQYIDITSIFTPGKMNGMSEHNYEEARTFSDLGKLGRSEQVIKA
KSAAAALGKVYYVGEFTGPKTAQGDSLVVRRHYITYYAQKVQISLIWNYALKGNIEWSFKADTPYGNMAFNLMREYNELF
STLSE
;
_entity_poly.pdbx_strand_id   A
#
# COMPACT_ATOMS: atom_id res chain seq x y z
N ILE A 24 -31.36 -23.71 -3.64
CA ILE A 24 -31.61 -22.47 -4.36
C ILE A 24 -30.35 -22.03 -5.11
N THR A 25 -30.56 -21.30 -6.19
CA THR A 25 -29.46 -20.64 -6.86
C THR A 25 -28.87 -19.56 -5.94
N PRO A 26 -27.55 -19.43 -5.86
CA PRO A 26 -26.97 -18.43 -4.97
C PRO A 26 -27.41 -17.04 -5.37
N PRO A 27 -27.60 -16.15 -4.40
CA PRO A 27 -27.98 -14.77 -4.73
C PRO A 27 -26.82 -14.01 -5.36
N SER A 28 -27.18 -12.95 -6.08
CA SER A 28 -26.22 -12.07 -6.75
C SER A 28 -25.35 -11.36 -5.72
N PRO A 29 -24.24 -10.73 -6.13
CA PRO A 29 -23.40 -9.99 -5.18
C PRO A 29 -24.16 -8.96 -4.34
N GLU A 30 -25.07 -8.22 -4.95
CA GLU A 30 -25.83 -7.22 -4.20
C GLU A 30 -26.94 -7.84 -3.38
N LYS A 31 -27.48 -8.99 -3.82
CA LYS A 31 -28.46 -9.72 -3.02
C LYS A 31 -27.81 -10.44 -1.85
N ASP A 32 -26.51 -10.69 -1.92
CA ASP A 32 -25.77 -11.32 -0.83
C ASP A 32 -25.73 -10.41 0.39
N THR A 33 -26.26 -10.88 1.53
CA THR A 33 -26.24 -10.08 2.74
C THR A 33 -24.88 -10.09 3.42
N ARG A 34 -23.99 -11.01 3.06
CA ARG A 34 -22.65 -11.02 3.64
C ARG A 34 -21.89 -9.77 3.23
N SER A 35 -20.90 -9.42 4.05
CA SER A 35 -20.00 -8.32 3.78
C SER A 35 -18.99 -8.68 2.69
N ALA A 36 -18.23 -7.67 2.25
CA ALA A 36 -17.23 -7.89 1.21
C ALA A 36 -16.20 -8.93 1.64
N MET A 37 -15.59 -8.73 2.80
N MET A 37 -15.59 -8.73 2.81
CA MET A 37 -14.58 -9.68 3.27
CA MET A 37 -14.57 -9.67 3.28
C MET A 37 -15.20 -11.04 3.57
C MET A 37 -15.18 -11.03 3.59
N GLU A 38 -16.41 -11.06 4.13
CA GLU A 38 -17.04 -12.35 4.40
C GLU A 38 -17.34 -13.09 3.11
N ARG A 39 -17.82 -12.40 2.08
CA ARG A 39 -18.12 -13.07 0.82
C ARG A 39 -16.84 -13.52 0.13
N TYR A 40 -15.81 -12.67 0.17
CA TYR A 40 -14.51 -13.01 -0.38
C TYR A 40 -13.93 -14.26 0.25
N TRP A 41 -13.94 -14.33 1.57
CA TRP A 41 -13.28 -15.45 2.25
C TRP A 41 -14.14 -16.71 2.35
N ALA A 42 -15.39 -16.67 1.90
CA ALA A 42 -16.25 -17.84 1.99
C ALA A 42 -15.74 -18.97 1.10
N GLU A 43 -16.07 -20.21 1.50
CA GLU A 43 -15.61 -21.38 0.76
C GLU A 43 -16.19 -21.44 -0.65
N ASP A 44 -17.41 -20.92 -0.83
CA ASP A 44 -18.07 -20.94 -2.13
C ASP A 44 -17.65 -19.79 -3.05
N TYR A 45 -16.74 -18.91 -2.61
CA TYR A 45 -16.33 -17.81 -3.47
C TYR A 45 -15.51 -18.33 -4.64
N SER A 46 -15.91 -17.94 -5.86
CA SER A 46 -15.13 -18.31 -7.04
C SER A 46 -14.95 -17.11 -7.97
N GLY A 47 -14.95 -15.90 -7.43
CA GLY A 47 -14.86 -14.70 -8.24
C GLY A 47 -13.43 -14.26 -8.44
N PRO A 48 -13.25 -13.07 -9.01
CA PRO A 48 -11.89 -12.53 -9.20
C PRO A 48 -11.17 -12.35 -7.86
N LEU A 49 -9.87 -12.61 -7.87
CA LEU A 49 -9.09 -12.41 -6.66
C LEU A 49 -8.69 -10.94 -6.51
N GLY A 50 -8.54 -10.54 -5.26
CA GLY A 50 -7.98 -9.24 -4.92
C GLY A 50 -8.92 -8.07 -5.14
N ILE A 51 -8.39 -6.88 -4.84
CA ILE A 51 -9.17 -5.66 -4.97
C ILE A 51 -9.42 -5.34 -6.43
N GLN A 52 -10.68 -5.12 -6.78
CA GLN A 52 -11.08 -4.74 -8.13
C GLN A 52 -11.56 -3.29 -8.13
N THR A 53 -11.38 -2.60 -9.25
CA THR A 53 -11.85 -1.23 -9.33
C THR A 53 -13.13 -1.22 -10.14
N GLY A 54 -14.18 -0.67 -9.54
CA GLY A 54 -15.43 -0.50 -10.23
C GLY A 54 -15.86 0.93 -10.06
N GLU A 55 -17.12 1.23 -10.33
CA GLU A 55 -17.60 2.58 -10.14
C GLU A 55 -19.02 2.53 -9.63
N ILE A 56 -19.34 3.43 -8.70
CA ILE A 56 -20.72 3.67 -8.32
C ILE A 56 -21.25 4.83 -9.15
N VAL A 57 -22.40 4.63 -9.77
CA VAL A 57 -22.86 5.44 -10.89
C VAL A 57 -24.08 6.24 -10.46
N SER A 58 -24.05 7.54 -10.74
CA SER A 58 -25.22 8.43 -10.63
C SER A 58 -25.29 9.23 -11.93
N GLY A 59 -26.02 8.71 -12.91
CA GLY A 59 -26.02 9.34 -14.23
C GLY A 59 -24.68 9.13 -14.90
N SER A 60 -24.11 10.22 -15.41
CA SER A 60 -22.78 10.18 -16.00
C SER A 60 -21.66 10.19 -14.97
N THR A 61 -21.97 10.42 -13.69
CA THR A 61 -20.97 10.38 -12.64
C THR A 61 -20.58 8.95 -12.36
N LYS A 62 -19.29 8.65 -12.52
CA LYS A 62 -18.73 7.36 -12.13
C LYS A 62 -17.71 7.63 -11.05
N LEU A 63 -18.06 7.32 -9.79
CA LEU A 63 -17.08 7.40 -8.71
C LEU A 63 -16.28 6.11 -8.69
N PRO A 64 -14.99 6.15 -8.99
CA PRO A 64 -14.19 4.93 -8.89
C PRO A 64 -14.13 4.44 -7.45
N ARG A 65 -14.34 3.14 -7.27
CA ARG A 65 -14.39 2.55 -5.93
C ARG A 65 -13.72 1.18 -5.94
N MET A 66 -13.20 0.79 -4.76
CA MET A 66 -12.61 -0.53 -4.55
C MET A 66 -13.67 -1.55 -4.23
N TYR A 67 -13.55 -2.73 -4.85
CA TYR A 67 -14.39 -3.88 -4.56
C TYR A 67 -13.53 -5.05 -4.10
N LEU A 68 -14.08 -5.86 -3.20
CA LEU A 68 -13.48 -7.14 -2.84
C LEU A 68 -14.60 -8.15 -2.71
N GLY A 69 -14.43 -9.33 -3.29
CA GLY A 69 -15.50 -10.30 -3.32
C GLY A 69 -16.77 -9.73 -3.93
N GLU A 70 -16.59 -8.84 -4.91
CA GLU A 70 -17.66 -8.27 -5.72
C GLU A 70 -18.57 -7.31 -4.95
N LYS A 71 -18.13 -6.83 -3.79
CA LYS A 71 -18.86 -5.87 -2.98
C LYS A 71 -17.95 -4.72 -2.57
N LEU A 72 -18.54 -3.57 -2.22
CA LEU A 72 -17.71 -2.41 -1.88
C LEU A 72 -16.91 -2.67 -0.62
N LEU A 73 -15.62 -2.32 -0.66
CA LEU A 73 -14.67 -2.60 0.40
C LEU A 73 -14.47 -1.38 1.29
N TYR A 74 -14.62 -1.57 2.60
CA TYR A 74 -14.23 -0.57 3.60
C TYR A 74 -13.57 -1.32 4.74
N VAL A 75 -12.30 -1.05 4.97
CA VAL A 75 -11.55 -1.81 5.96
C VAL A 75 -10.39 -0.98 6.47
N THR A 76 -9.97 -1.26 7.70
CA THR A 76 -8.77 -0.67 8.27
C THR A 76 -7.91 -1.79 8.85
N GLY A 77 -6.60 -1.65 8.70
CA GLY A 77 -5.67 -2.70 9.11
C GLY A 77 -4.38 -2.12 9.61
N VAL A 78 -3.28 -2.84 9.38
CA VAL A 78 -1.98 -2.43 9.88
C VAL A 78 -0.94 -2.59 8.78
N ASN A 79 0.10 -1.78 8.87
CA ASN A 79 1.38 -2.18 8.28
C ASN A 79 1.97 -3.27 9.16
N CYS A 80 2.56 -4.28 8.52
CA CYS A 80 3.44 -5.23 9.19
C CYS A 80 4.65 -5.29 8.28
N TYR A 81 5.48 -4.26 8.39
CA TYR A 81 6.59 -4.06 7.47
C TYR A 81 7.42 -5.33 7.29
N ASN A 82 7.75 -6.02 8.39
CA ASN A 82 8.67 -7.14 8.32
C ASN A 82 7.98 -8.51 8.29
N LEU A 83 6.70 -8.56 7.91
CA LEU A 83 5.96 -9.82 7.87
C LEU A 83 6.74 -10.90 7.11
N PHE A 84 7.26 -10.55 5.94
CA PHE A 84 8.09 -11.49 5.17
C PHE A 84 9.56 -11.40 5.55
N VAL A 85 10.12 -10.19 5.60
CA VAL A 85 11.58 -10.11 5.63
C VAL A 85 12.14 -10.58 6.95
N GLN A 86 11.33 -10.63 8.01
CA GLN A 86 11.82 -11.22 9.26
C GLN A 86 12.31 -12.65 9.06
N SER A 87 11.84 -13.33 8.01
CA SER A 87 12.27 -14.72 7.77
C SER A 87 13.77 -14.82 7.53
N PHE A 88 14.41 -13.76 7.02
CA PHE A 88 15.86 -13.77 6.89
C PHE A 88 16.57 -12.71 7.73
N GLU A 89 15.92 -11.56 7.96
CA GLU A 89 16.56 -10.52 8.76
C GLU A 89 16.62 -10.91 10.23
N SER A 90 15.63 -11.64 10.72
CA SER A 90 15.60 -12.09 12.11
C SER A 90 15.89 -13.57 12.25
N ASP A 91 15.13 -14.43 11.56
CA ASP A 91 15.35 -15.87 11.69
C ASP A 91 16.63 -16.32 11.00
N GLY A 92 17.05 -15.59 9.96
CA GLY A 92 18.26 -15.90 9.25
C GLY A 92 18.24 -17.14 8.38
N ASP A 93 17.13 -17.89 8.34
CA ASP A 93 17.13 -19.16 7.62
C ASP A 93 16.07 -19.25 6.53
N LEU A 94 15.36 -18.15 6.25
CA LEU A 94 14.24 -18.17 5.32
C LEU A 94 13.18 -19.19 5.75
N GLY A 95 13.05 -19.37 7.07
CA GLY A 95 12.06 -20.27 7.62
C GLY A 95 10.79 -19.53 7.98
N LEU A 96 9.89 -20.26 8.64
CA LEU A 96 8.56 -19.76 8.93
C LEU A 96 8.29 -19.54 10.42
N THR A 97 9.31 -19.64 11.28
CA THR A 97 9.09 -19.60 12.73
C THR A 97 8.44 -18.28 13.15
N SER A 98 9.05 -17.15 12.79
CA SER A 98 8.51 -15.85 13.16
C SER A 98 7.27 -15.49 12.36
N ILE A 99 7.21 -15.92 11.10
CA ILE A 99 6.02 -15.69 10.29
C ILE A 99 4.79 -16.29 10.95
N ARG A 100 4.91 -17.53 11.45
CA ARG A 100 3.77 -18.19 12.06
C ARG A 100 3.37 -17.53 13.37
N LYS A 101 4.35 -17.15 14.19
CA LYS A 101 4.04 -16.39 15.40
C LYS A 101 3.32 -15.08 15.06
N THR A 102 3.76 -14.42 13.99
CA THR A 102 3.14 -13.15 13.60
C THR A 102 1.70 -13.37 13.15
N VAL A 103 1.48 -14.39 12.30
CA VAL A 103 0.13 -14.62 11.79
C VAL A 103 -0.81 -15.01 12.92
N ASP A 104 -0.31 -15.76 13.91
CA ASP A 104 -1.17 -16.09 15.06
C ASP A 104 -1.66 -14.81 15.74
N VAL A 105 -0.79 -13.81 15.89
CA VAL A 105 -1.24 -12.57 16.51
C VAL A 105 -2.26 -11.87 15.62
N LEU A 106 -1.97 -11.80 14.31
CA LEU A 106 -2.90 -11.13 13.39
C LEU A 106 -4.29 -11.77 13.45
N VAL A 107 -4.34 -13.10 13.53
CA VAL A 107 -5.61 -13.78 13.62
C VAL A 107 -6.29 -13.45 14.95
N GLU A 108 -5.54 -13.56 16.05
CA GLU A 108 -6.11 -13.32 17.38
C GLU A 108 -6.63 -11.91 17.52
N GLU A 109 -5.89 -10.93 16.99
CA GLU A 109 -6.30 -9.53 17.09
C GLU A 109 -7.35 -9.16 16.06
N LYS A 110 -7.69 -10.07 15.15
CA LYS A 110 -8.70 -9.81 14.11
C LYS A 110 -8.24 -8.72 13.14
N VAL A 111 -6.97 -8.75 12.74
CA VAL A 111 -6.44 -7.85 11.72
C VAL A 111 -6.89 -8.37 10.35
N PRO A 112 -7.63 -7.59 9.59
CA PRO A 112 -8.12 -8.11 8.29
C PRO A 112 -7.17 -7.88 7.13
N ILE A 113 -6.31 -6.86 7.21
CA ILE A 113 -5.49 -6.47 6.05
C ILE A 113 -4.16 -5.90 6.54
N VAL A 114 -3.10 -6.24 5.80
CA VAL A 114 -1.72 -5.98 6.20
C VAL A 114 -0.91 -5.58 4.97
N ARG A 115 -0.13 -4.51 5.09
CA ARG A 115 0.87 -4.16 4.07
C ARG A 115 2.26 -4.55 4.57
N PHE A 116 3.09 -5.10 3.69
CA PHE A 116 4.40 -5.60 4.11
C PHE A 116 5.41 -5.41 3.00
N SER A 117 6.69 -5.37 3.36
CA SER A 117 7.74 -5.24 2.37
C SER A 117 8.04 -6.59 1.71
N CYS A 118 8.21 -6.56 0.38
CA CYS A 118 8.44 -7.77 -0.39
C CYS A 118 9.85 -7.83 -0.97
N SER A 119 10.83 -7.20 -0.32
CA SER A 119 12.21 -7.25 -0.78
C SER A 119 13.13 -6.86 0.36
N PRO A 120 14.41 -7.26 0.31
CA PRO A 120 15.35 -6.82 1.35
C PRO A 120 15.50 -5.32 1.32
N TYR A 121 15.60 -4.73 2.51
CA TYR A 121 15.75 -3.28 2.61
C TYR A 121 17.07 -2.81 2.00
N SER A 122 18.14 -3.56 2.23
CA SER A 122 19.48 -3.17 1.81
C SER A 122 19.99 -4.11 0.73
N SER A 123 20.74 -3.54 -0.23
CA SER A 123 21.41 -4.35 -1.23
C SER A 123 22.35 -5.36 -0.58
N GLY A 124 22.85 -5.05 0.63
CA GLY A 124 23.71 -6.00 1.32
C GLY A 124 23.00 -7.28 1.73
N GLN A 125 21.68 -7.32 1.67
CA GLN A 125 20.91 -8.53 1.97
C GLN A 125 20.26 -9.12 0.72
N PHE A 126 20.56 -8.56 -0.46
CA PHE A 126 20.00 -9.15 -1.68
C PHE A 126 20.47 -10.59 -1.89
N HIS A 127 21.55 -10.99 -1.23
CA HIS A 127 22.02 -12.37 -1.37
C HIS A 127 21.01 -13.37 -0.84
N PHE A 128 20.12 -12.97 0.08
CA PHE A 128 19.11 -13.92 0.56
C PHE A 128 18.16 -14.34 -0.56
N TYR A 129 18.05 -13.54 -1.62
CA TYR A 129 17.35 -13.94 -2.82
C TYR A 129 18.29 -14.62 -3.82
N HIS A 130 19.39 -13.95 -4.17
CA HIS A 130 20.22 -14.46 -5.26
C HIS A 130 21.01 -15.71 -4.87
N ASP A 131 21.30 -15.93 -3.57
CA ASP A 131 21.96 -17.19 -3.16
C ASP A 131 21.18 -18.40 -3.64
N ASN A 132 19.85 -18.30 -3.66
CA ASN A 132 18.98 -19.43 -3.99
C ASN A 132 17.59 -18.87 -4.20
N GLU A 133 17.28 -18.53 -5.45
CA GLU A 133 16.07 -17.76 -5.71
C GLU A 133 14.83 -18.60 -5.43
N SER A 134 14.85 -19.89 -5.78
CA SER A 134 13.67 -20.72 -5.55
C SER A 134 13.37 -20.90 -4.06
N LYS A 135 14.40 -20.97 -3.22
CA LYS A 135 14.14 -21.06 -1.78
C LYS A 135 13.48 -19.79 -1.25
N TYR A 136 14.04 -18.62 -1.63
CA TYR A 136 13.46 -17.35 -1.20
C TYR A 136 12.01 -17.22 -1.64
N LEU A 137 11.73 -17.56 -2.91
CA LEU A 137 10.36 -17.43 -3.40
C LEU A 137 9.43 -18.48 -2.79
N ALA A 138 9.99 -19.63 -2.39
CA ALA A 138 9.18 -20.63 -1.72
C ALA A 138 8.73 -20.16 -0.34
N THR A 139 9.59 -19.42 0.36
CA THR A 139 9.19 -18.83 1.64
C THR A 139 8.10 -17.78 1.45
N LEU A 140 8.21 -16.97 0.39
CA LEU A 140 7.16 -16.01 0.09
C LEU A 140 5.85 -16.71 -0.29
N ASP A 141 5.93 -17.75 -1.11
CA ASP A 141 4.73 -18.54 -1.40
C ASP A 141 4.13 -19.13 -0.13
N SER A 142 4.98 -19.59 0.80
CA SER A 142 4.48 -20.18 2.03
C SER A 142 3.76 -19.14 2.87
N LEU A 143 4.33 -17.95 2.97
CA LEU A 143 3.67 -16.86 3.68
C LEU A 143 2.29 -16.60 3.11
N ALA A 144 2.20 -16.53 1.78
CA ALA A 144 0.90 -16.28 1.17
C ALA A 144 -0.07 -17.42 1.44
N ALA A 145 0.43 -18.66 1.46
CA ALA A 145 -0.43 -19.80 1.76
C ALA A 145 -0.92 -19.73 3.20
N ILE A 146 -0.07 -19.33 4.13
CA ILE A 146 -0.49 -19.19 5.52
C ILE A 146 -1.56 -18.12 5.64
N CYS A 147 -1.37 -17.00 4.91
CA CYS A 147 -2.36 -15.95 4.95
C CYS A 147 -3.66 -16.38 4.29
N ASP A 148 -3.61 -17.18 3.22
CA ASP A 148 -4.84 -17.73 2.64
C ASP A 148 -5.63 -18.47 3.70
N ARG A 149 -4.96 -19.36 4.43
CA ARG A 149 -5.65 -20.23 5.36
C ARG A 149 -6.20 -19.45 6.54
N ASN A 150 -5.52 -18.38 6.94
CA ASN A 150 -5.91 -17.60 8.09
C ASN A 150 -6.72 -16.37 7.72
N HIS A 151 -7.12 -16.24 6.45
CA HIS A 151 -8.01 -15.16 6.00
C HIS A 151 -7.44 -13.77 6.29
N ILE A 152 -6.14 -13.61 6.02
N ILE A 152 -6.15 -13.60 6.03
CA ILE A 152 -5.46 -12.32 6.14
CA ILE A 152 -5.48 -12.31 6.13
C ILE A 152 -5.16 -11.80 4.73
C ILE A 152 -5.20 -11.82 4.71
N ALA A 153 -5.72 -10.65 4.39
CA ALA A 153 -5.44 -10.04 3.09
C ALA A 153 -4.12 -9.28 3.20
N ILE A 154 -3.26 -9.41 2.19
CA ILE A 154 -1.95 -8.80 2.27
C ILE A 154 -1.67 -7.99 1.01
N ILE A 155 -0.89 -6.94 1.18
CA ILE A 155 -0.45 -6.07 0.10
C ILE A 155 1.07 -6.05 0.10
N PRO A 156 1.71 -6.79 -0.80
CA PRO A 156 3.17 -6.68 -0.95
C PRO A 156 3.58 -5.34 -1.55
N SER A 157 4.55 -4.71 -0.92
CA SER A 157 5.18 -3.49 -1.42
C SER A 157 6.57 -3.91 -1.88
N ILE A 158 6.76 -3.94 -3.21
CA ILE A 158 7.81 -4.80 -3.77
C ILE A 158 9.19 -4.17 -3.63
N PHE A 159 9.36 -2.90 -4.00
CA PHE A 159 10.66 -2.22 -3.92
C PHE A 159 10.61 -1.23 -2.77
N TRP A 160 10.72 -1.76 -1.55
CA TRP A 160 10.48 -0.94 -0.36
C TRP A 160 11.45 0.22 -0.30
N ASN A 161 12.75 -0.08 -0.38
CA ASN A 161 13.82 0.93 -0.35
C ASN A 161 14.35 1.06 -1.77
N THR A 162 13.94 2.13 -2.47
CA THR A 162 14.36 2.27 -3.86
C THR A 162 15.85 2.53 -4.04
N ASP A 163 16.60 2.78 -2.96
CA ASP A 163 18.05 2.87 -3.11
C ASP A 163 18.65 1.53 -3.51
N ALA A 164 18.00 0.42 -3.13
CA ALA A 164 18.70 -0.87 -3.05
C ALA A 164 19.01 -1.45 -4.42
N VAL A 165 18.05 -1.43 -5.35
CA VAL A 165 18.30 -2.01 -6.68
C VAL A 165 19.42 -1.27 -7.42
N PRO A 166 19.41 0.08 -7.53
CA PRO A 166 20.55 0.73 -8.22
C PRO A 166 21.88 0.43 -7.54
N GLU A 167 21.92 0.41 -6.20
CA GLU A 167 23.13 0.02 -5.49
C GLU A 167 23.59 -1.36 -5.92
N TYR A 168 22.67 -2.33 -5.95
CA TYR A 168 23.03 -3.69 -6.29
C TYR A 168 23.58 -3.76 -7.71
N CYS A 169 23.07 -2.92 -8.59
CA CYS A 169 23.47 -2.89 -9.98
C CYS A 169 24.64 -1.94 -10.22
N LYS A 170 25.17 -1.32 -9.17
CA LYS A 170 26.25 -0.34 -9.29
C LYS A 170 25.91 0.71 -10.35
N GLU A 171 24.69 1.23 -10.26
CA GLU A 171 24.19 2.28 -11.12
C GLU A 171 23.71 3.46 -10.29
N GLU A 172 23.74 4.65 -10.90
CA GLU A 172 23.18 5.82 -10.26
C GLU A 172 21.67 5.67 -10.09
N PHE A 173 21.15 6.34 -9.06
CA PHE A 173 19.74 6.20 -8.66
C PHE A 173 18.80 6.58 -9.80
N GLY A 174 19.21 7.52 -10.67
CA GLY A 174 18.33 7.93 -11.76
C GLY A 174 18.05 6.86 -12.80
N LYS A 175 18.81 5.76 -12.79
N LYS A 175 18.81 5.76 -12.79
CA LYS A 175 18.63 4.71 -13.78
CA LYS A 175 18.62 4.72 -13.79
C LYS A 175 17.28 4.01 -13.64
C LYS A 175 17.28 4.01 -13.64
N TRP A 176 16.55 4.23 -12.55
CA TRP A 176 15.17 3.77 -12.46
C TRP A 176 14.34 4.25 -13.65
N GLY A 177 14.65 5.41 -14.19
CA GLY A 177 13.91 5.99 -15.28
C GLY A 177 14.49 5.74 -16.66
N ASP A 178 15.46 4.83 -16.77
CA ASP A 178 16.11 4.52 -18.03
C ASP A 178 15.78 3.07 -18.36
N LYS A 179 14.92 2.86 -19.35
CA LYS A 179 14.44 1.52 -19.66
C LYS A 179 15.56 0.59 -20.13
N SER A 180 16.72 1.12 -20.53
CA SER A 180 17.81 0.28 -20.97
C SER A 180 18.77 -0.12 -19.85
N SER A 181 18.53 0.32 -18.62
CA SER A 181 19.49 0.15 -17.53
C SER A 181 19.34 -1.22 -16.86
N GLU A 182 20.39 -1.62 -16.14
CA GLU A 182 20.30 -2.85 -15.35
C GLU A 182 19.30 -2.69 -14.21
N THR A 183 19.16 -1.47 -13.68
CA THR A 183 18.17 -1.20 -12.64
C THR A 183 16.77 -1.48 -13.15
N TYR A 184 16.48 -1.04 -14.37
CA TYR A 184 15.13 -1.21 -14.88
C TYR A 184 14.87 -2.66 -15.24
N LYS A 185 15.88 -3.34 -15.79
CA LYS A 185 15.76 -4.77 -16.05
C LYS A 185 15.51 -5.55 -14.77
N TYR A 186 16.30 -5.25 -13.72
CA TYR A 186 16.09 -5.90 -12.43
C TYR A 186 14.68 -5.67 -11.92
N MET A 187 14.17 -4.44 -12.05
N MET A 187 14.18 -4.43 -12.03
CA MET A 187 12.80 -4.16 -11.64
CA MET A 187 12.80 -4.13 -11.66
C MET A 187 11.82 -5.07 -12.36
C MET A 187 11.84 -5.08 -12.36
N LEU A 188 11.97 -5.21 -13.69
CA LEU A 188 11.06 -6.07 -14.44
C LEU A 188 11.22 -7.52 -14.04
N ASP A 189 12.46 -7.98 -13.85
CA ASP A 189 12.70 -9.39 -13.53
C ASP A 189 12.19 -9.74 -12.15
N TYR A 190 12.41 -8.84 -11.17
CA TYR A 190 11.94 -9.09 -9.82
C TYR A 190 10.42 -9.01 -9.74
N THR A 191 9.82 -8.02 -10.42
CA THR A 191 8.37 -7.95 -10.49
C THR A 191 7.79 -9.24 -11.03
N GLU A 192 8.36 -9.73 -12.14
CA GLU A 192 7.92 -11.00 -12.69
C GLU A 192 8.02 -12.13 -11.66
N ALA A 193 9.15 -12.20 -10.94
CA ALA A 193 9.34 -13.29 -9.98
C ALA A 193 8.28 -13.23 -8.89
N VAL A 194 8.03 -12.03 -8.36
CA VAL A 194 7.07 -11.88 -7.26
C VAL A 194 5.66 -12.18 -7.73
N VAL A 195 5.26 -11.60 -8.87
CA VAL A 195 3.88 -11.80 -9.34
C VAL A 195 3.64 -13.26 -9.70
N ASN A 196 4.61 -13.89 -10.36
CA ASN A 196 4.41 -15.30 -10.73
C ASN A 196 4.25 -16.16 -9.49
N THR A 197 4.99 -15.85 -8.43
CA THR A 197 4.92 -16.61 -7.18
C THR A 197 3.60 -16.39 -6.46
N LEU A 198 3.11 -15.15 -6.47
CA LEU A 198 2.00 -14.76 -5.61
C LEU A 198 0.65 -14.70 -6.29
N LYS A 199 0.58 -14.71 -7.63
CA LYS A 199 -0.67 -14.38 -8.32
C LYS A 199 -1.79 -15.38 -8.04
N GLY A 200 -1.46 -16.63 -7.72
CA GLY A 200 -2.50 -17.60 -7.43
C GLY A 200 -3.14 -17.52 -6.06
N HIS A 201 -2.65 -16.65 -5.19
CA HIS A 201 -3.05 -16.62 -3.79
C HIS A 201 -4.16 -15.60 -3.58
N LYS A 202 -5.28 -16.04 -3.02
CA LYS A 202 -6.37 -15.09 -2.78
C LYS A 202 -6.04 -14.11 -1.65
N SER A 203 -5.07 -14.42 -0.79
CA SER A 203 -4.68 -13.43 0.20
C SER A 203 -4.04 -12.19 -0.41
N VAL A 204 -3.46 -12.28 -1.60
CA VAL A 204 -2.73 -11.14 -2.18
C VAL A 204 -3.75 -10.25 -2.89
N VAL A 205 -4.04 -9.08 -2.33
CA VAL A 205 -5.18 -8.29 -2.81
C VAL A 205 -4.77 -7.08 -3.63
N ALA A 206 -3.49 -6.72 -3.66
CA ALA A 206 -3.02 -5.60 -4.45
C ALA A 206 -1.51 -5.72 -4.59
N TRP A 207 -0.98 -5.11 -5.63
CA TRP A 207 0.44 -5.04 -5.88
C TRP A 207 0.91 -3.59 -5.75
N GLU A 208 1.80 -3.33 -4.81
CA GLU A 208 2.28 -1.98 -4.58
C GLU A 208 3.74 -1.87 -5.00
N PHE A 209 4.08 -0.79 -5.71
CA PHE A 209 5.42 -0.70 -6.29
C PHE A 209 6.48 -0.76 -5.20
N GLY A 210 6.31 0.03 -4.15
CA GLY A 210 7.36 0.23 -3.17
C GLY A 210 6.93 1.30 -2.20
N ASN A 211 7.90 1.86 -1.47
CA ASN A 211 7.55 2.76 -0.38
C ASN A 211 8.07 4.18 -0.63
N GLU A 212 7.14 5.12 -0.79
CA GLU A 212 7.42 6.57 -0.75
C GLU A 212 8.46 6.99 -1.79
N PHE A 213 8.40 6.39 -2.97
CA PHE A 213 9.31 6.77 -4.04
C PHE A 213 9.20 8.26 -4.36
N ASN A 214 7.98 8.82 -4.32
CA ASN A 214 7.80 10.23 -4.69
C ASN A 214 8.66 11.16 -3.81
N LEU A 215 8.95 10.75 -2.57
CA LEU A 215 9.72 11.63 -1.69
C LEU A 215 11.18 11.77 -2.10
N GLN A 216 11.64 10.98 -3.05
CA GLN A 216 13.02 11.07 -3.48
C GLN A 216 13.21 12.02 -4.65
N ALA A 217 12.12 12.50 -5.25
CA ALA A 217 12.19 13.18 -6.55
C ALA A 217 12.33 14.70 -6.40
N ASP A 218 13.18 15.27 -7.26
CA ASP A 218 13.20 16.70 -7.52
C ASP A 218 13.59 17.55 -6.30
N ILE A 219 14.41 17.00 -5.41
CA ILE A 219 14.82 17.73 -4.21
C ILE A 219 15.99 18.64 -4.57
N PRO A 220 15.87 19.97 -4.46
CA PRO A 220 16.94 20.84 -4.97
C PRO A 220 18.30 20.60 -4.34
N HIS A 221 18.38 20.46 -3.03
CA HIS A 221 19.66 20.27 -2.36
C HIS A 221 19.92 18.79 -2.03
N ASN A 222 19.23 17.90 -2.73
CA ASN A 222 19.48 16.46 -2.68
C ASN A 222 18.99 15.86 -3.99
N TYR A 223 19.63 16.21 -5.10
CA TYR A 223 19.02 16.03 -6.42
C TYR A 223 19.43 14.69 -7.02
N ARG A 224 18.49 13.74 -7.07
CA ARG A 224 18.82 12.36 -7.43
C ARG A 224 17.97 11.80 -8.56
N ILE A 225 16.74 12.29 -8.74
CA ILE A 225 15.82 11.72 -9.72
C ILE A 225 14.68 12.72 -9.95
N SER A 226 14.03 12.67 -11.11
CA SER A 226 12.86 13.51 -11.35
C SER A 226 11.56 12.70 -11.26
N ALA A 227 10.46 13.44 -11.06
CA ALA A 227 9.15 12.79 -11.04
C ALA A 227 8.89 12.01 -12.31
N ASN A 228 9.37 12.53 -13.46
CA ASN A 228 9.15 11.83 -14.72
C ASN A 228 9.90 10.50 -14.76
N ASP A 229 11.10 10.43 -14.15
CA ASP A 229 11.82 9.15 -14.06
C ASP A 229 11.08 8.16 -13.19
N VAL A 230 10.56 8.61 -12.04
CA VAL A 230 9.74 7.74 -11.20
C VAL A 230 8.54 7.23 -11.97
N SER A 231 7.89 8.11 -12.73
CA SER A 231 6.72 7.72 -13.50
C SER A 231 7.05 6.61 -14.48
N VAL A 232 8.22 6.68 -15.13
CA VAL A 232 8.65 5.64 -16.06
C VAL A 232 8.77 4.30 -15.33
N ALA A 233 9.39 4.30 -14.16
CA ALA A 233 9.47 3.05 -13.39
C ALA A 233 8.09 2.52 -13.01
N TYR A 234 7.19 3.41 -12.54
CA TYR A 234 5.84 2.99 -12.19
C TYR A 234 5.11 2.40 -13.40
N GLN A 235 5.24 3.06 -14.56
CA GLN A 235 4.59 2.58 -15.78
C GLN A 235 5.13 1.23 -16.22
N GLY A 236 6.44 1.03 -16.17
CA GLY A 236 7.00 -0.27 -16.50
C GLY A 236 6.55 -1.36 -15.52
N PHE A 237 6.54 -1.03 -14.23
CA PHE A 237 6.04 -1.96 -13.22
C PHE A 237 4.60 -2.35 -13.50
N ALA A 238 3.73 -1.34 -13.67
CA ALA A 238 2.30 -1.62 -13.84
C ALA A 238 2.05 -2.45 -15.09
N ASP A 239 2.75 -2.15 -16.19
CA ASP A 239 2.60 -2.92 -17.42
C ASP A 239 3.01 -4.38 -17.21
N LYS A 240 4.13 -4.60 -16.52
CA LYS A 240 4.56 -5.98 -16.30
C LYS A 240 3.56 -6.72 -15.43
N VAL A 241 3.11 -6.10 -14.35
CA VAL A 241 2.11 -6.74 -13.49
C VAL A 241 0.85 -7.07 -14.29
N ALA A 242 0.35 -6.11 -15.08
CA ALA A 242 -0.86 -6.35 -15.88
C ALA A 242 -0.65 -7.50 -16.89
N GLU A 243 0.56 -7.64 -17.41
CA GLU A 243 0.83 -8.71 -18.35
C GLU A 243 0.75 -10.08 -17.67
N LEU A 244 1.05 -10.16 -16.38
CA LEU A 244 1.17 -11.45 -15.72
C LEU A 244 -0.02 -11.83 -14.84
N ASP A 245 -0.78 -10.85 -14.35
CA ASP A 245 -1.80 -11.14 -13.35
C ASP A 245 -3.14 -11.34 -14.03
N PRO A 246 -3.64 -12.57 -14.14
CA PRO A 246 -4.95 -12.77 -14.79
C PRO A 246 -6.11 -12.24 -13.97
N GLU A 247 -5.89 -11.98 -12.67
CA GLU A 247 -6.96 -11.44 -11.83
C GLU A 247 -7.09 -9.94 -11.95
N HIS A 248 -6.12 -9.27 -12.59
CA HIS A 248 -6.03 -7.80 -12.70
C HIS A 248 -6.48 -7.09 -11.41
N ARG A 249 -5.88 -7.49 -10.29
CA ARG A 249 -6.13 -6.79 -9.04
C ARG A 249 -5.41 -5.44 -9.01
N LEU A 250 -5.71 -4.65 -7.98
CA LEU A 250 -5.25 -3.27 -7.90
C LEU A 250 -3.73 -3.17 -7.97
N ILE A 251 -3.23 -2.27 -8.82
CA ILE A 251 -1.81 -1.90 -8.90
C ILE A 251 -1.68 -0.51 -8.28
N ALA A 252 -0.84 -0.38 -7.26
CA ALA A 252 -0.75 0.80 -6.43
C ALA A 252 0.67 1.34 -6.38
N SER A 253 0.79 2.61 -6.01
CA SER A 253 2.08 3.28 -6.03
C SER A 253 2.89 3.06 -4.76
N GLY A 254 2.26 3.17 -3.59
CA GLY A 254 3.01 3.26 -2.34
C GLY A 254 3.53 4.64 -2.00
N ASN A 255 3.12 5.67 -2.75
CA ASN A 255 3.55 7.04 -2.48
C ASN A 255 3.17 7.48 -1.08
N SER A 256 3.97 8.39 -0.52
CA SER A 256 3.48 9.21 0.59
C SER A 256 2.47 10.23 0.04
N VAL A 257 2.00 11.13 0.90
CA VAL A 257 1.34 12.32 0.36
C VAL A 257 2.29 12.92 -0.65
N MET A 258 1.75 13.56 -1.69
CA MET A 258 2.59 14.50 -2.44
C MET A 258 3.12 15.58 -1.50
N ARG A 259 4.37 15.98 -1.70
CA ARG A 259 4.84 17.19 -1.04
C ARG A 259 3.95 18.37 -1.43
N ASP A 260 3.81 19.32 -0.50
CA ASP A 260 3.05 20.53 -0.81
C ASP A 260 3.46 21.10 -2.16
N ALA A 261 4.76 21.13 -2.44
CA ALA A 261 5.32 21.71 -3.63
C ALA A 261 5.69 20.69 -4.69
N GLN A 262 5.07 19.50 -4.68
CA GLN A 262 5.57 18.42 -5.53
C GLN A 262 5.64 18.84 -7.00
N TYR A 263 4.58 19.49 -7.50
CA TYR A 263 4.59 19.93 -8.89
C TYR A 263 5.60 21.05 -9.12
N ASN A 264 5.68 21.99 -8.18
CA ASN A 264 6.59 23.11 -8.36
C ASN A 264 8.04 22.69 -8.24
N LEU A 265 8.35 21.65 -7.45
CA LEU A 265 9.71 21.13 -7.44
C LEU A 265 10.08 20.58 -8.81
N LEU A 266 9.19 19.78 -9.41
CA LEU A 266 9.45 19.23 -10.74
C LEU A 266 9.61 20.33 -11.78
N HIS A 267 8.68 21.28 -11.82
CA HIS A 267 8.63 22.21 -12.94
C HIS A 267 9.49 23.45 -12.73
N ASN A 268 9.63 23.93 -11.50
CA ASN A 268 10.35 25.17 -11.23
C ASN A 268 11.49 25.02 -10.23
N GLY A 269 11.65 23.84 -9.63
CA GLY A 269 12.61 23.66 -8.56
C GLY A 269 12.34 24.54 -7.36
N SER A 270 11.07 24.87 -7.13
N SER A 270 11.07 24.87 -7.13
CA SER A 270 10.69 25.78 -6.07
CA SER A 270 10.69 25.78 -6.07
C SER A 270 9.84 25.07 -5.03
C SER A 270 9.84 25.07 -5.03
N TRP A 271 9.85 25.62 -3.82
CA TRP A 271 9.07 25.10 -2.71
C TRP A 271 7.71 25.78 -2.57
N THR A 272 7.27 26.53 -3.60
CA THR A 272 5.94 27.11 -3.61
C THR A 272 4.88 26.02 -3.52
N ALA A 273 3.91 26.18 -2.63
CA ALA A 273 2.87 25.16 -2.54
C ALA A 273 2.11 25.07 -3.86
N ASP A 274 1.80 23.83 -4.25
CA ASP A 274 1.01 23.59 -5.45
C ASP A 274 -0.42 24.12 -5.30
N THR A 275 -1.00 24.55 -6.43
CA THR A 275 -2.45 24.70 -6.47
C THR A 275 -3.09 23.31 -6.45
N PHE A 276 -4.42 23.28 -6.27
CA PHE A 276 -5.11 22.00 -6.32
C PHE A 276 -4.99 21.38 -7.72
N GLN A 277 -5.06 22.20 -8.77
CA GLN A 277 -4.92 21.68 -10.13
C GLN A 277 -3.53 21.08 -10.34
N GLN A 278 -2.49 21.75 -9.84
CA GLN A 278 -1.14 21.22 -9.94
C GLN A 278 -0.98 19.94 -9.15
N TYR A 279 -1.69 19.82 -8.03
CA TYR A 279 -1.65 18.59 -7.24
C TYR A 279 -2.24 17.42 -8.01
N ILE A 280 -3.36 17.63 -8.69
CA ILE A 280 -3.92 16.59 -9.54
C ILE A 280 -2.92 16.20 -10.61
N ASP A 281 -2.30 17.20 -11.24
CA ASP A 281 -1.31 16.94 -12.28
C ASP A 281 -0.17 16.07 -11.79
N ILE A 282 0.42 16.42 -10.64
CA ILE A 282 1.60 15.69 -10.20
C ILE A 282 1.18 14.34 -9.62
N THR A 283 0.01 14.26 -8.98
CA THR A 283 -0.54 12.96 -8.59
C THR A 283 -0.64 12.04 -9.78
N SER A 284 -1.09 12.56 -10.93
CA SER A 284 -1.23 11.76 -12.13
C SER A 284 0.13 11.23 -12.62
N ILE A 285 1.16 12.07 -12.61
CA ILE A 285 2.51 11.62 -12.94
C ILE A 285 2.96 10.49 -12.02
N PHE A 286 2.66 10.61 -10.72
CA PHE A 286 3.06 9.60 -9.74
C PHE A 286 2.03 8.47 -9.58
N THR A 287 1.00 8.43 -10.45
CA THR A 287 0.03 7.32 -10.49
C THR A 287 -0.34 7.07 -11.95
N PRO A 288 0.62 6.61 -12.76
CA PRO A 288 0.40 6.60 -14.22
C PRO A 288 -0.31 5.37 -14.73
N GLY A 289 -1.01 5.56 -15.85
CA GLY A 289 -1.41 4.43 -16.66
C GLY A 289 -2.27 3.44 -15.91
N LYS A 290 -1.83 2.19 -15.92
CA LYS A 290 -2.58 1.08 -15.33
C LYS A 290 -2.49 1.06 -13.80
N MET A 291 -1.70 1.94 -13.20
CA MET A 291 -1.58 2.01 -11.75
C MET A 291 -2.75 2.84 -11.23
N ASN A 292 -3.74 2.19 -10.62
CA ASN A 292 -4.96 2.88 -10.21
C ASN A 292 -5.06 3.08 -8.71
N GLY A 293 -4.09 2.59 -7.93
CA GLY A 293 -4.13 2.78 -6.48
C GLY A 293 -3.35 4.00 -6.07
N MET A 294 -4.07 5.05 -5.69
CA MET A 294 -3.48 6.34 -5.31
C MET A 294 -3.22 6.30 -3.81
N SER A 295 -1.97 6.00 -3.44
CA SER A 295 -1.54 5.91 -2.05
C SER A 295 -1.13 7.27 -1.51
N GLU A 296 -1.54 7.56 -0.29
CA GLU A 296 -0.91 8.62 0.47
C GLU A 296 -0.61 8.10 1.86
N HIS A 297 0.37 8.73 2.50
CA HIS A 297 0.74 8.40 3.87
C HIS A 297 0.47 9.62 4.72
N ASN A 298 -0.36 9.45 5.76
CA ASN A 298 -0.86 10.57 6.54
C ASN A 298 -0.12 10.62 7.89
N TYR A 299 0.92 11.47 7.93
N TYR A 299 0.87 11.49 8.00
CA TYR A 299 1.71 11.78 9.12
CA TYR A 299 1.40 11.64 9.34
C TYR A 299 1.04 12.94 9.89
C TYR A 299 1.04 13.03 9.86
N GLU A 300 1.73 13.48 10.91
CA GLU A 300 1.30 14.69 11.60
C GLU A 300 1.84 15.92 10.89
N GLU A 301 1.44 16.04 9.63
CA GLU A 301 1.78 17.18 8.77
C GLU A 301 0.53 17.52 7.97
N ALA A 302 0.29 18.82 7.79
CA ALA A 302 -0.90 19.27 7.09
C ALA A 302 -0.65 19.36 5.59
N ARG A 303 -1.74 19.32 4.83
CA ARG A 303 -1.72 19.59 3.40
C ARG A 303 -2.00 21.08 3.16
N THR A 304 -1.12 21.74 2.41
CA THR A 304 -1.29 23.14 2.04
C THR A 304 -1.32 23.28 0.52
N PHE A 305 -2.32 24.01 0.02
CA PHE A 305 -2.44 24.39 -1.39
C PHE A 305 -2.29 25.90 -1.49
N SER A 306 -1.69 26.37 -2.59
CA SER A 306 -1.50 27.81 -2.70
C SER A 306 -2.82 28.55 -2.91
N ASP A 307 -3.82 27.87 -3.48
CA ASP A 307 -5.12 28.50 -3.70
C ASP A 307 -6.11 28.16 -2.60
N LEU A 308 -6.18 26.90 -2.18
CA LEU A 308 -7.13 26.51 -1.15
C LEU A 308 -6.63 26.72 0.26
N GLY A 309 -5.33 26.91 0.46
CA GLY A 309 -4.80 27.20 1.78
C GLY A 309 -4.38 25.95 2.51
N LYS A 310 -4.14 26.11 3.81
CA LYS A 310 -3.75 25.00 4.67
C LYS A 310 -5.00 24.33 5.23
N LEU A 311 -5.07 23.01 5.09
CA LEU A 311 -6.30 22.27 5.37
C LEU A 311 -6.11 21.33 6.56
N GLY A 312 -7.22 21.04 7.24
CA GLY A 312 -7.22 19.97 8.22
C GLY A 312 -7.31 18.62 7.53
N ARG A 313 -7.20 17.55 8.32
CA ARG A 313 -7.12 16.24 7.68
C ARG A 313 -8.41 15.86 6.96
N SER A 314 -9.56 16.27 7.48
CA SER A 314 -10.81 15.92 6.80
C SER A 314 -10.84 16.51 5.39
N GLU A 315 -10.55 17.81 5.27
CA GLU A 315 -10.53 18.41 3.95
C GLU A 315 -9.41 17.85 3.08
N GLN A 316 -8.27 17.50 3.67
CA GLN A 316 -7.19 16.90 2.88
C GLN A 316 -7.65 15.59 2.25
N VAL A 317 -8.32 14.75 3.03
CA VAL A 317 -8.83 13.48 2.50
C VAL A 317 -9.89 13.72 1.43
N ILE A 318 -10.81 14.65 1.68
CA ILE A 318 -11.84 14.95 0.68
C ILE A 318 -11.19 15.40 -0.63
N LYS A 319 -10.16 16.24 -0.53
CA LYS A 319 -9.49 16.71 -1.75
C LYS A 319 -8.74 15.58 -2.44
N ALA A 320 -8.08 14.71 -1.67
CA ALA A 320 -7.38 13.56 -2.25
C ALA A 320 -8.36 12.63 -2.97
N LYS A 321 -9.50 12.34 -2.35
CA LYS A 321 -10.48 11.48 -2.99
C LYS A 321 -11.08 12.14 -4.24
N SER A 322 -11.22 13.47 -4.22
CA SER A 322 -11.71 14.17 -5.40
C SER A 322 -10.71 14.09 -6.54
N ALA A 323 -9.41 14.20 -6.20
CA ALA A 323 -8.37 14.05 -7.22
C ALA A 323 -8.36 12.64 -7.80
N ALA A 324 -8.42 11.64 -6.92
CA ALA A 324 -8.51 10.24 -7.35
C ALA A 324 -9.67 10.02 -8.31
N ALA A 325 -10.88 10.43 -7.90
CA ALA A 325 -12.05 10.19 -8.72
C ALA A 325 -11.90 10.81 -10.11
N ALA A 326 -11.41 12.05 -10.18
CA ALA A 326 -11.27 12.72 -11.47
C ALA A 326 -10.28 11.98 -12.37
N LEU A 327 -9.25 11.39 -11.79
CA LEU A 327 -8.20 10.67 -12.51
C LEU A 327 -8.56 9.22 -12.80
N GLY A 328 -9.68 8.72 -12.30
CA GLY A 328 -10.02 7.32 -12.42
C GLY A 328 -9.28 6.41 -11.48
N LYS A 329 -8.81 6.94 -10.35
CA LYS A 329 -8.04 6.22 -9.36
C LYS A 329 -8.88 6.02 -8.11
N VAL A 330 -8.36 5.20 -7.19
CA VAL A 330 -8.98 4.98 -5.89
C VAL A 330 -7.95 5.33 -4.82
N TYR A 331 -8.38 6.10 -3.82
CA TYR A 331 -7.52 6.56 -2.75
C TYR A 331 -7.40 5.53 -1.64
N TYR A 332 -6.21 5.43 -1.07
CA TYR A 332 -6.09 4.70 0.18
C TYR A 332 -4.96 5.30 1.00
N VAL A 333 -5.05 5.08 2.30
CA VAL A 333 -4.08 5.57 3.28
C VAL A 333 -3.16 4.40 3.60
N GLY A 334 -1.99 4.34 2.94
CA GLY A 334 -1.10 3.19 3.10
C GLY A 334 -0.35 3.16 4.42
N GLU A 335 -0.21 4.32 5.09
CA GLU A 335 0.39 4.45 6.41
C GLU A 335 -0.26 5.65 7.08
N PHE A 336 -0.52 5.56 8.38
CA PHE A 336 -0.83 6.77 9.15
C PHE A 336 -0.33 6.61 10.58
N THR A 337 -0.34 7.74 11.30
CA THR A 337 0.25 7.86 12.64
C THR A 337 -0.22 6.80 13.63
N GLY A 338 0.74 6.08 14.21
CA GLY A 338 0.43 5.09 15.22
C GLY A 338 0.82 5.53 16.61
N PRO A 339 0.63 4.64 17.58
CA PRO A 339 0.78 5.03 19.00
C PRO A 339 2.18 5.45 19.36
N LYS A 340 3.21 4.82 18.80
CA LYS A 340 4.55 5.20 19.21
C LYS A 340 4.92 6.57 18.64
N THR A 341 4.56 6.83 17.38
CA THR A 341 4.78 8.15 16.80
C THR A 341 3.99 9.22 17.55
N ALA A 342 2.76 8.89 17.97
CA ALA A 342 1.93 9.78 18.76
C ALA A 342 2.38 9.94 20.20
N GLN A 343 3.50 9.31 20.60
CA GLN A 343 3.98 9.37 21.98
C GLN A 343 2.90 8.91 22.95
N GLY A 344 2.09 7.94 22.53
CA GLY A 344 1.06 7.41 23.40
C GLY A 344 -0.17 8.27 23.56
N ASP A 345 -0.33 9.33 22.78
CA ASP A 345 -1.55 10.15 22.85
C ASP A 345 -2.58 9.53 21.92
N SER A 346 -3.56 8.83 22.51
CA SER A 346 -4.55 8.14 21.70
C SER A 346 -5.40 9.11 20.88
N LEU A 347 -5.54 10.37 21.32
CA LEU A 347 -6.35 11.30 20.55
C LEU A 347 -5.71 11.59 19.20
N VAL A 348 -4.38 11.66 19.16
CA VAL A 348 -3.68 11.87 17.88
C VAL A 348 -4.02 10.75 16.90
N VAL A 349 -4.02 9.50 17.36
CA VAL A 349 -4.35 8.37 16.48
C VAL A 349 -5.84 8.34 16.16
N ARG A 350 -6.67 8.51 17.19
CA ARG A 350 -8.11 8.46 16.98
C ARG A 350 -8.56 9.47 15.93
N ARG A 351 -7.93 10.67 15.91
CA ARG A 351 -8.31 11.68 14.91
C ARG A 351 -8.25 11.11 13.50
N HIS A 352 -7.28 10.23 13.22
CA HIS A 352 -7.22 9.61 11.90
C HIS A 352 -8.45 8.75 11.64
N TYR A 353 -8.77 7.87 12.58
CA TYR A 353 -9.89 6.96 12.37
C TYR A 353 -11.21 7.72 12.22
N ILE A 354 -11.41 8.80 12.99
CA ILE A 354 -12.63 9.58 12.87
C ILE A 354 -12.79 10.10 11.44
N THR A 355 -11.71 10.64 10.88
CA THR A 355 -11.73 11.18 9.52
C THR A 355 -11.94 10.08 8.50
N TYR A 356 -11.23 8.96 8.65
CA TYR A 356 -11.33 7.91 7.64
C TYR A 356 -12.71 7.28 7.61
N TYR A 357 -13.36 7.14 8.78
CA TYR A 357 -14.72 6.64 8.77
C TYR A 357 -15.68 7.68 8.18
N ALA A 358 -15.53 8.94 8.56
CA ALA A 358 -16.46 9.97 8.12
C ALA A 358 -16.38 10.17 6.61
N GLN A 359 -15.17 10.04 6.05
CA GLN A 359 -14.97 10.23 4.61
C GLN A 359 -14.97 8.91 3.84
N LYS A 360 -15.33 7.81 4.51
N LYS A 360 -15.33 7.81 4.51
CA LYS A 360 -15.51 6.51 3.87
CA LYS A 360 -15.51 6.50 3.89
C LYS A 360 -14.26 6.08 3.10
C LYS A 360 -14.26 6.08 3.10
N VAL A 361 -13.09 6.30 3.71
CA VAL A 361 -11.84 5.81 3.14
C VAL A 361 -11.87 4.29 3.11
N GLN A 362 -11.49 3.71 1.97
CA GLN A 362 -11.76 2.28 1.81
C GLN A 362 -10.69 1.37 2.38
N ILE A 363 -9.42 1.81 2.41
CA ILE A 363 -8.34 1.10 3.07
C ILE A 363 -7.50 2.10 3.83
N SER A 364 -7.23 1.84 5.10
CA SER A 364 -6.29 2.65 5.87
C SER A 364 -5.46 1.71 6.74
N LEU A 365 -4.14 1.95 6.82
CA LEU A 365 -3.22 1.03 7.46
C LEU A 365 -2.33 1.77 8.46
N ILE A 366 -2.45 1.45 9.73
CA ILE A 366 -1.68 2.15 10.76
C ILE A 366 -0.22 1.70 10.74
N TRP A 367 0.70 2.62 11.01
CA TRP A 367 2.11 2.28 11.20
C TRP A 367 2.41 2.04 12.69
N ASN A 368 2.92 0.86 13.07
CA ASN A 368 3.27 -0.34 12.31
C ASN A 368 3.31 -1.47 13.35
N TYR A 369 2.86 -2.67 12.98
CA TYR A 369 2.93 -3.80 13.89
C TYR A 369 4.16 -4.64 13.57
N ALA A 370 4.96 -4.94 14.59
CA ALA A 370 6.08 -5.85 14.47
C ALA A 370 6.00 -6.87 15.59
N LEU A 371 6.17 -8.16 15.26
CA LEU A 371 6.09 -9.23 16.27
C LEU A 371 6.82 -8.89 17.55
N LYS A 372 8.07 -8.42 17.41
CA LYS A 372 8.91 -8.13 18.57
C LYS A 372 9.01 -6.63 18.85
N GLY A 373 8.25 -5.80 18.14
CA GLY A 373 8.29 -4.36 18.33
C GLY A 373 9.59 -3.73 17.92
N ASN A 374 10.40 -4.41 17.12
CA ASN A 374 11.79 -4.05 16.86
C ASN A 374 11.96 -3.38 15.50
N ILE A 375 10.92 -2.76 14.99
CA ILE A 375 10.98 -1.95 13.79
C ILE A 375 10.70 -0.52 14.24
N GLU A 376 11.33 0.46 13.57
CA GLU A 376 11.20 1.84 14.02
C GLU A 376 9.73 2.29 14.10
N TRP A 377 9.40 3.03 15.17
CA TRP A 377 8.05 3.59 15.41
C TRP A 377 6.95 2.53 15.46
N SER A 378 7.25 1.34 15.94
CA SER A 378 6.31 0.24 15.83
C SER A 378 5.80 -0.18 17.19
N PHE A 379 4.73 -0.95 17.16
CA PHE A 379 4.18 -1.56 18.36
C PHE A 379 4.12 -3.07 18.20
N LYS A 380 4.02 -3.77 19.33
CA LYS A 380 3.82 -5.20 19.41
C LYS A 380 2.55 -5.50 20.21
N ALA A 381 2.15 -6.76 20.22
CA ALA A 381 0.90 -7.09 20.91
C ALA A 381 1.09 -7.11 22.43
N ASP A 382 -0.04 -6.95 23.13
CA ASP A 382 -0.11 -7.11 24.59
C ASP A 382 0.80 -6.12 25.30
N THR A 383 0.84 -4.89 24.79
CA THR A 383 1.43 -3.72 25.43
C THR A 383 0.41 -2.62 25.40
N PRO A 384 0.57 -1.57 26.21
CA PRO A 384 -0.38 -0.44 26.14
C PRO A 384 -0.52 0.14 24.74
N TYR A 385 0.59 0.34 24.02
CA TYR A 385 0.51 0.92 22.68
C TYR A 385 -0.08 -0.07 21.69
N GLY A 386 0.24 -1.35 21.84
CA GLY A 386 -0.35 -2.35 20.96
C GLY A 386 -1.85 -2.42 21.14
N ASN A 387 -2.30 -2.49 22.39
CA ASN A 387 -3.74 -2.54 22.65
C ASN A 387 -4.44 -1.29 22.13
N MET A 388 -3.79 -0.13 22.28
CA MET A 388 -4.36 1.13 21.79
C MET A 388 -4.65 1.02 20.29
N ALA A 389 -3.68 0.55 19.52
CA ALA A 389 -3.84 0.42 18.08
C ALA A 389 -4.88 -0.64 17.73
N PHE A 390 -4.75 -1.83 18.32
CA PHE A 390 -5.65 -2.91 17.91
C PHE A 390 -7.08 -2.65 18.37
N ASN A 391 -7.28 -2.01 19.53
CA ASN A 391 -8.63 -1.70 19.97
C ASN A 391 -9.30 -0.71 19.02
N LEU A 392 -8.56 0.32 18.60
CA LEU A 392 -9.09 1.27 17.63
C LEU A 392 -9.39 0.57 16.30
N MET A 393 -8.47 -0.27 15.83
CA MET A 393 -8.67 -0.97 14.57
C MET A 393 -9.97 -1.78 14.59
N ARG A 394 -10.18 -2.56 15.65
CA ARG A 394 -11.40 -3.34 15.75
C ARG A 394 -12.63 -2.43 15.85
N GLU A 395 -12.51 -1.38 16.66
CA GLU A 395 -13.63 -0.45 16.84
C GLU A 395 -14.08 0.09 15.50
N TYR A 396 -13.13 0.48 14.65
CA TYR A 396 -13.51 1.13 13.40
C TYR A 396 -13.86 0.12 12.32
N ASN A 397 -13.30 -1.10 12.37
CA ASN A 397 -13.79 -2.12 11.43
C ASN A 397 -15.23 -2.50 11.73
N GLU A 398 -15.65 -2.41 13.00
CA GLU A 398 -17.05 -2.65 13.33
C GLU A 398 -17.95 -1.62 12.65
N LEU A 399 -17.51 -0.37 12.61
CA LEU A 399 -18.27 0.66 11.91
C LEU A 399 -18.16 0.51 10.40
N PHE A 400 -16.96 0.24 9.89
CA PHE A 400 -16.78 0.11 8.45
C PHE A 400 -17.59 -1.05 7.89
N SER A 401 -17.80 -2.09 8.71
CA SER A 401 -18.34 -3.34 8.22
C SER A 401 -19.75 -3.23 7.67
N THR A 402 -20.50 -2.19 8.04
CA THR A 402 -21.81 -1.96 7.44
C THR A 402 -21.81 -0.84 6.40
N LEU A 403 -20.70 -0.15 6.20
CA LEU A 403 -20.67 0.98 5.28
C LEU A 403 -20.99 0.55 3.85
N SER A 404 -21.71 1.41 3.16
CA SER A 404 -21.92 1.27 1.73
C SER A 404 -21.95 2.65 1.11
N GLU A 405 -21.87 2.67 -0.22
CA GLU A 405 -22.10 3.89 -0.98
C GLU A 405 -22.95 3.55 -2.19
#